data_9HMO
#
_entry.id   9HMO
#
_cell.length_a   32.450
_cell.length_b   55.490
_cell.length_c   69.390
_cell.angle_alpha   90.00
_cell.angle_beta   90.00
_cell.angle_gamma   90.00
#
_symmetry.space_group_name_H-M   'P 21 21 21'
#
loop_
_entity.id
_entity.type
_entity.pdbx_description
1 polymer 'tRNA threonylcarbamoyladenosine dehydratase'
2 non-polymer 'PHOSPHATE ION'
3 water water
#
_entity_poly.entity_id   1
_entity_poly.type   'polypeptide(L)'
_entity_poly.pdbx_seq_one_letter_code
;SMTRPRLYEEAVKRLHAEARKAGVNLDKTFNASEMSYIIEEVYVGRSALPPHESQKVTVVRWNPQLPFDHTNLVAMTRNE
ARYHEDNVLAKNVDPSTVYGKDVIEVVHSFLRRLRMWEMLY
;
_entity_poly.pdbx_strand_id   A
#
# COMPACT_ATOMS: atom_id res chain seq x y z
N MET A 2 -9.10 -1.41 -14.76
CA MET A 2 -7.64 -1.42 -15.08
C MET A 2 -7.34 -0.31 -16.11
N THR A 3 -7.70 0.94 -15.81
CA THR A 3 -7.63 2.06 -16.79
C THR A 3 -6.39 2.94 -16.59
N ARG A 4 -5.54 2.67 -15.59
CA ARG A 4 -4.35 3.53 -15.29
C ARG A 4 -3.09 2.66 -15.24
N PRO A 5 -2.66 2.10 -16.39
CA PRO A 5 -1.54 1.17 -16.43
C PRO A 5 -0.20 1.72 -15.92
N ARG A 6 0.04 3.04 -16.05
CA ARG A 6 1.29 3.67 -15.56
C ARG A 6 1.39 3.48 -14.04
N LEU A 7 0.26 3.57 -13.33
CA LEU A 7 0.20 3.45 -11.85
C LEU A 7 0.54 2.02 -11.43
N TYR A 8 -0.04 1.03 -12.11
CA TYR A 8 0.11 -0.41 -11.75
C TYR A 8 1.56 -0.83 -11.95
N GLU A 9 2.19 -0.41 -13.05
CA GLU A 9 3.63 -0.68 -13.36
C GLU A 9 4.50 -0.08 -12.25
N GLU A 10 4.28 1.19 -11.91
CA GLU A 10 5.09 1.94 -10.91
C GLU A 10 4.91 1.29 -9.53
N ALA A 11 3.70 0.86 -9.19
CA ALA A 11 3.38 0.24 -7.87
C ALA A 11 4.17 -1.06 -7.70
N VAL A 12 4.24 -1.89 -8.74
CA VAL A 12 5.03 -3.17 -8.73
C VAL A 12 6.48 -2.81 -8.43
N LYS A 13 7.04 -1.84 -9.16
CA LYS A 13 8.45 -1.39 -9.00
C LYS A 13 8.66 -0.88 -7.57
N ARG A 14 7.72 -0.09 -7.04
CA ARG A 14 7.81 0.48 -5.67
C ARG A 14 7.87 -0.66 -4.64
N LEU A 15 6.91 -1.59 -4.67
CA LEU A 15 6.82 -2.69 -3.67
C LEU A 15 8.08 -3.57 -3.75
N HIS A 16 8.58 -3.87 -4.94
CA HIS A 16 9.81 -4.70 -5.11
C HIS A 16 11.02 -3.92 -4.58
N ALA A 17 11.09 -2.61 -4.79
CA ALA A 17 12.15 -1.73 -4.25
C ALA A 17 12.08 -1.71 -2.71
N GLU A 18 10.87 -1.63 -2.14
CA GLU A 18 10.65 -1.65 -0.67
C GLU A 18 11.15 -2.98 -0.10
N ALA A 19 10.84 -4.11 -0.77
CA ALA A 19 11.24 -5.48 -0.34
C ALA A 19 12.76 -5.59 -0.39
N ARG A 20 13.37 -5.13 -1.48
CA ARG A 20 14.84 -5.16 -1.70
C ARG A 20 15.52 -4.41 -0.55
N LYS A 21 15.05 -3.19 -0.25
CA LYS A 21 15.61 -2.32 0.82
C LYS A 21 15.47 -3.00 2.19
N ALA A 22 14.35 -3.69 2.45
CA ALA A 22 14.02 -4.34 3.74
C ALA A 22 14.73 -5.70 3.86
N GLY A 23 15.39 -6.16 2.79
CA GLY A 23 16.08 -7.47 2.74
C GLY A 23 15.07 -8.62 2.72
N VAL A 24 13.88 -8.38 2.16
CA VAL A 24 12.74 -9.32 2.20
C VAL A 24 12.67 -10.09 0.88
N ASN A 25 12.65 -11.42 0.95
CA ASN A 25 12.47 -12.35 -0.19
C ASN A 25 11.00 -12.80 -0.18
N LEU A 26 10.17 -12.18 -1.04
CA LEU A 26 8.68 -12.33 -1.03
C LEU A 26 8.28 -13.77 -1.33
N ASP A 27 7.26 -14.28 -0.64
CA ASP A 27 6.63 -15.60 -0.90
C ASP A 27 6.16 -15.65 -2.35
N LYS A 28 5.45 -14.62 -2.80
CA LYS A 28 5.06 -14.41 -4.22
C LYS A 28 5.31 -12.95 -4.60
N THR A 29 5.83 -12.72 -5.81
CA THR A 29 6.13 -11.37 -6.36
C THR A 29 4.80 -10.64 -6.61
N PHE A 30 4.85 -9.31 -6.69
CA PHE A 30 3.71 -8.45 -7.07
C PHE A 30 3.65 -8.35 -8.59
N ASN A 31 2.46 -8.14 -9.13
CA ASN A 31 2.22 -8.02 -10.60
C ASN A 31 1.21 -6.88 -10.84
N ALA A 32 1.12 -6.43 -12.09
CA ALA A 32 0.31 -5.27 -12.53
C ALA A 32 -1.19 -5.53 -12.26
N SER A 33 -1.69 -6.74 -12.54
CA SER A 33 -3.12 -7.08 -12.37
C SER A 33 -3.48 -6.97 -10.88
N GLU A 34 -2.60 -7.44 -10.00
CA GLU A 34 -2.79 -7.35 -8.53
C GLU A 34 -2.80 -5.87 -8.11
N MET A 35 -1.89 -5.06 -8.64
CA MET A 35 -1.82 -3.61 -8.32
C MET A 35 -3.12 -2.93 -8.80
N SER A 36 -3.62 -3.30 -9.99
N SER A 36 -3.63 -3.30 -9.99
CA SER A 36 -4.91 -2.82 -10.53
CA SER A 36 -4.92 -2.80 -10.54
C SER A 36 -6.02 -3.11 -9.52
C SER A 36 -6.04 -3.11 -9.53
N TYR A 37 -6.07 -4.34 -9.02
CA TYR A 37 -7.06 -4.81 -8.01
C TYR A 37 -6.94 -3.97 -6.72
N ILE A 38 -5.74 -3.81 -6.19
CA ILE A 38 -5.51 -3.06 -4.91
C ILE A 38 -5.95 -1.61 -5.11
N ILE A 39 -5.39 -0.93 -6.10
CA ILE A 39 -5.59 0.54 -6.31
C ILE A 39 -7.06 0.81 -6.67
N GLU A 40 -7.61 0.13 -7.67
CA GLU A 40 -8.91 0.51 -8.30
C GLU A 40 -10.09 -0.15 -7.56
N GLU A 41 -9.93 -1.38 -7.05
CA GLU A 41 -11.07 -2.13 -6.45
C GLU A 41 -11.06 -1.98 -4.93
N VAL A 42 -9.99 -2.41 -4.25
CA VAL A 42 -9.92 -2.38 -2.75
C VAL A 42 -9.98 -0.92 -2.29
N TYR A 43 -9.13 -0.05 -2.85
CA TYR A 43 -8.94 1.36 -2.41
C TYR A 43 -9.73 2.32 -3.30
N VAL A 44 -10.64 1.78 -4.12
CA VAL A 44 -11.62 2.50 -4.99
C VAL A 44 -10.94 3.65 -5.76
N GLY A 45 -9.70 3.44 -6.20
CA GLY A 45 -9.00 4.34 -7.14
C GLY A 45 -8.43 5.58 -6.46
N ARG A 46 -8.34 5.58 -5.12
CA ARG A 46 -7.89 6.77 -4.35
C ARG A 46 -6.96 6.34 -3.22
N SER A 47 -6.17 7.29 -2.71
CA SER A 47 -5.36 7.12 -1.47
C SER A 47 -6.28 6.71 -0.32
N ALA A 48 -5.81 5.79 0.52
CA ALA A 48 -6.46 5.38 1.79
C ALA A 48 -6.43 6.54 2.79
N LEU A 49 -5.46 7.46 2.65
CA LEU A 49 -5.24 8.56 3.62
C LEU A 49 -6.19 9.71 3.29
N PRO A 50 -7.02 10.17 4.26
CA PRO A 50 -7.81 11.39 4.06
C PRO A 50 -6.90 12.50 3.57
N PRO A 51 -7.31 13.35 2.59
CA PRO A 51 -8.68 13.37 2.05
C PRO A 51 -8.91 12.50 0.81
N HIS A 52 -8.15 11.41 0.66
CA HIS A 52 -8.31 10.39 -0.41
C HIS A 52 -8.07 11.01 -1.79
N GLU A 53 -6.90 11.61 -2.00
CA GLU A 53 -6.49 12.15 -3.33
C GLU A 53 -6.46 11.00 -4.33
N SER A 54 -6.84 11.26 -5.59
CA SER A 54 -7.09 10.21 -6.61
C SER A 54 -5.99 10.17 -7.69
N GLN A 55 -5.05 11.12 -7.70
CA GLN A 55 -3.99 11.19 -8.75
C GLN A 55 -2.69 10.57 -8.21
N LYS A 56 -1.90 9.98 -9.10
CA LYS A 56 -0.55 9.42 -8.83
C LYS A 56 -0.63 8.41 -7.68
N VAL A 57 -1.63 7.53 -7.71
CA VAL A 57 -1.83 6.50 -6.65
C VAL A 57 -0.80 5.39 -6.84
N THR A 58 -0.16 4.98 -5.76
CA THR A 58 0.81 3.84 -5.73
C THR A 58 0.38 2.91 -4.58
N VAL A 59 1.18 1.89 -4.30
CA VAL A 59 0.93 0.93 -3.19
C VAL A 59 2.22 0.83 -2.37
N VAL A 60 2.08 0.82 -1.04
CA VAL A 60 3.22 0.66 -0.09
C VAL A 60 2.93 -0.50 0.86
N ARG A 61 3.99 -1.10 1.39
CA ARG A 61 3.93 -1.90 2.63
C ARG A 61 3.44 -0.97 3.75
N TRP A 62 2.35 -1.34 4.43
CA TRP A 62 1.76 -0.51 5.49
C TRP A 62 2.61 -0.59 6.76
N ASN A 63 2.67 -1.79 7.37
CA ASN A 63 3.26 -2.01 8.71
C ASN A 63 4.59 -2.76 8.55
N PRO A 64 5.75 -2.10 8.83
CA PRO A 64 7.04 -2.77 8.70
C PRO A 64 7.30 -3.81 9.81
N GLN A 65 6.46 -3.83 10.85
CA GLN A 65 6.57 -4.75 12.02
C GLN A 65 5.72 -6.00 11.78
N LEU A 66 5.09 -6.11 10.60
CA LEU A 66 4.36 -7.33 10.16
C LEU A 66 4.96 -7.81 8.84
N PRO A 67 4.80 -9.11 8.51
CA PRO A 67 5.29 -9.66 7.25
C PRO A 67 4.88 -8.84 6.02
N PHE A 68 5.83 -8.64 5.11
CA PHE A 68 5.61 -8.04 3.78
C PHE A 68 4.87 -9.04 2.91
N ASP A 69 3.54 -9.13 3.07
CA ASP A 69 2.66 -10.07 2.34
C ASP A 69 1.59 -9.26 1.60
N HIS A 70 0.63 -9.94 0.98
CA HIS A 70 -0.36 -9.35 0.04
C HIS A 70 -1.55 -8.74 0.80
N THR A 71 -1.57 -8.80 2.14
CA THR A 71 -2.60 -8.11 2.98
C THR A 71 -2.02 -6.91 3.72
N ASN A 72 -0.71 -6.67 3.62
CA ASN A 72 -0.02 -5.57 4.34
C ASN A 72 0.24 -4.43 3.36
N LEU A 73 -0.78 -4.04 2.59
CA LEU A 73 -0.67 -3.12 1.43
C LEU A 73 -1.70 -2.01 1.53
N VAL A 74 -1.27 -0.77 1.32
CA VAL A 74 -2.13 0.44 1.37
C VAL A 74 -1.85 1.29 0.13
N ALA A 75 -2.92 1.70 -0.57
CA ALA A 75 -2.86 2.66 -1.68
C ALA A 75 -2.71 4.06 -1.11
N MET A 76 -1.79 4.84 -1.67
CA MET A 76 -1.63 6.28 -1.33
C MET A 76 -0.92 6.97 -2.49
N THR A 77 -0.87 8.31 -2.48
CA THR A 77 -0.19 9.11 -3.54
C THR A 77 1.31 8.78 -3.46
N ARG A 78 2.05 9.02 -4.54
CA ARG A 78 3.52 8.78 -4.54
C ARG A 78 4.19 9.66 -3.49
N ASN A 79 3.71 10.90 -3.32
N ASN A 79 3.71 10.90 -3.34
CA ASN A 79 4.25 11.84 -2.31
CA ASN A 79 4.19 11.87 -2.31
C ASN A 79 3.97 11.26 -0.90
C ASN A 79 3.96 11.27 -0.91
N GLU A 80 2.75 10.75 -0.66
CA GLU A 80 2.39 10.10 0.64
C GLU A 80 3.27 8.86 0.84
N ALA A 81 3.55 8.11 -0.23
CA ALA A 81 4.37 6.87 -0.22
C ALA A 81 5.81 7.19 0.20
N ARG A 82 6.38 8.28 -0.33
CA ARG A 82 7.78 8.69 -0.02
C ARG A 82 7.85 9.09 1.46
N TYR A 83 6.85 9.80 1.97
CA TYR A 83 6.74 10.15 3.41
C TYR A 83 6.64 8.87 4.24
N HIS A 84 5.80 7.92 3.82
CA HIS A 84 5.60 6.61 4.51
C HIS A 84 6.91 5.82 4.53
N GLU A 85 7.62 5.74 3.40
CA GLU A 85 8.90 4.99 3.28
C GLU A 85 9.95 5.59 4.23
N ASP A 86 10.02 6.93 4.30
CA ASP A 86 11.03 7.67 5.08
C ASP A 86 10.70 7.62 6.58
N ASN A 87 9.43 7.70 6.95
CA ASN A 87 9.02 7.98 8.36
C ASN A 87 8.42 6.75 9.04
N VAL A 88 7.96 5.74 8.28
CA VAL A 88 7.43 4.48 8.87
C VAL A 88 8.38 3.32 8.53
N LEU A 89 8.62 3.04 7.25
CA LEU A 89 9.35 1.84 6.80
C LEU A 89 10.83 1.94 7.20
N ALA A 90 11.49 3.06 6.90
CA ALA A 90 12.94 3.27 7.16
C ALA A 90 13.23 3.25 8.67
N LYS A 91 12.25 3.63 9.50
CA LYS A 91 12.39 3.72 10.97
C LYS A 91 11.82 2.45 11.65
N ASN A 92 11.17 1.56 10.89
CA ASN A 92 10.63 0.27 11.38
C ASN A 92 9.73 0.52 12.60
N VAL A 93 8.88 1.55 12.53
CA VAL A 93 7.94 1.96 13.61
C VAL A 93 6.53 1.51 13.25
N ASP A 94 5.68 1.37 14.27
CA ASP A 94 4.22 1.15 14.09
C ASP A 94 3.64 2.38 13.40
N PRO A 95 2.81 2.21 12.34
CA PRO A 95 2.21 3.36 11.66
C PRO A 95 1.44 4.35 12.57
N SER A 96 0.90 3.87 13.70
CA SER A 96 0.09 4.68 14.64
C SER A 96 0.95 5.74 15.33
N THR A 97 2.28 5.65 15.23
CA THR A 97 3.24 6.66 15.77
C THR A 97 3.38 7.83 14.78
N VAL A 98 2.98 7.64 13.52
CA VAL A 98 3.15 8.63 12.42
C VAL A 98 1.77 9.21 12.04
N TYR A 99 0.72 8.38 12.05
CA TYR A 99 -0.65 8.78 11.66
C TYR A 99 -1.56 8.83 12.89
N GLY A 100 -2.49 9.79 12.92
CA GLY A 100 -3.47 9.97 14.01
C GLY A 100 -4.51 8.86 14.05
N LYS A 101 -5.26 8.78 15.14
CA LYS A 101 -6.22 7.67 15.42
C LYS A 101 -7.31 7.63 14.33
N ASP A 102 -7.77 8.80 13.86
CA ASP A 102 -8.81 8.95 12.81
C ASP A 102 -8.30 8.29 11.52
N VAL A 103 -7.05 8.57 11.14
CA VAL A 103 -6.41 8.06 9.89
C VAL A 103 -6.23 6.54 10.01
N ILE A 104 -5.75 6.05 11.16
CA ILE A 104 -5.49 4.60 11.40
C ILE A 104 -6.82 3.84 11.26
N GLU A 105 -7.92 4.39 11.79
CA GLU A 105 -9.26 3.74 11.75
C GLU A 105 -9.72 3.57 10.29
N VAL A 106 -9.58 4.62 9.47
CA VAL A 106 -9.97 4.59 8.02
C VAL A 106 -9.10 3.56 7.29
N VAL A 107 -7.78 3.59 7.48
CA VAL A 107 -6.83 2.64 6.81
C VAL A 107 -7.19 1.22 7.25
N HIS A 108 -7.43 0.99 8.54
CA HIS A 108 -7.78 -0.34 9.12
C HIS A 108 -9.06 -0.89 8.45
N SER A 109 -10.02 -0.03 8.12
CA SER A 109 -11.27 -0.43 7.41
C SER A 109 -10.90 -1.02 6.04
N PHE A 110 -9.98 -0.39 5.32
CA PHE A 110 -9.49 -0.87 4.00
C PHE A 110 -8.70 -2.18 4.16
N LEU A 111 -7.85 -2.29 5.18
CA LEU A 111 -7.02 -3.51 5.41
C LEU A 111 -7.95 -4.67 5.77
N ARG A 112 -9.01 -4.40 6.53
CA ARG A 112 -10.07 -5.40 6.81
C ARG A 112 -10.66 -5.90 5.48
N ARG A 113 -11.04 -4.98 4.59
CA ARG A 113 -11.60 -5.29 3.25
C ARG A 113 -10.60 -6.17 2.48
N LEU A 114 -9.33 -5.76 2.44
CA LEU A 114 -8.24 -6.47 1.73
C LEU A 114 -8.14 -7.92 2.24
N ARG A 115 -8.11 -8.11 3.56
CA ARG A 115 -7.96 -9.47 4.17
C ARG A 115 -9.23 -10.30 3.91
N MET A 116 -10.41 -9.69 3.99
CA MET A 116 -11.72 -10.40 3.84
C MET A 116 -11.91 -10.82 2.37
N TRP A 117 -11.48 -9.97 1.42
CA TRP A 117 -11.61 -10.24 -0.03
C TRP A 117 -10.57 -11.27 -0.49
N GLU A 118 -9.47 -11.43 0.25
CA GLU A 118 -8.32 -12.28 -0.15
C GLU A 118 -8.81 -13.67 -0.59
N MET A 119 -9.74 -14.26 0.16
CA MET A 119 -10.32 -15.60 -0.15
C MET A 119 -10.96 -15.58 -1.56
N LEU A 120 -11.70 -14.52 -1.89
CA LEU A 120 -12.50 -14.44 -3.14
C LEU A 120 -11.59 -14.06 -4.33
N TYR A 121 -10.40 -13.52 -4.06
CA TYR A 121 -9.43 -13.06 -5.10
C TYR A 121 -8.93 -14.27 -5.89
#